data_5WNK
#
_entry.id   5WNK
#
_cell.length_a   69.769
_cell.length_b   110.231
_cell.length_c   146.277
_cell.angle_alpha   90.00
_cell.angle_beta   90.00
_cell.angle_gamma   90.00
#
_symmetry.space_group_name_H-M   'I 21 21 21'
#
loop_
_entity.id
_entity.type
_entity.pdbx_description
1 polymer 'Receptor-interacting serine/threonine-protein kinase 4'
2 non-polymer 'CHLORIDE ION'
3 non-polymer "3,3'-(2,4-diaminopteridine-6,7-diyl)diphenol"
4 water water
#
_entity_poly.entity_id   1
_entity_poly.type   'polypeptide(L)'
_entity_poly.pdbx_seq_one_letter_code
;MEGEGRGRWALGLLRTFDAGEFAGWEKVGSGGFGQVYKVRHVHWKTWLAIKCSPSLHVDDRERMELLEEAKKMEMAKFRY
ILPVYGICQEPVGLVMEYMETGSLEKLLASEPLPWDLRFRIVHETAVGMNFLHCMSPPLLHLNLKPANILLDAHYHVKIS
DFGLAKCNGMSHSHDLSMDGLFGTIAYLPPERIREKSRLFDTKHDVYSFAIVIWGVLTQKKPFADEKNILHIMMKVVKGH
RPELPPICRPRPRACASLIGLMQRCWHADPQVRPTFQEITSETEDLCEKPDEEVKDLAHEPGEKSSLESKSEARPESSRL
KRASAPPFDNDCSLSELLSQLD
;
_entity_poly.pdbx_strand_id   A
#
# COMPACT_ATOMS: atom_id res chain seq x y z
N ALA A 10 17.99 14.10 4.35
CA ALA A 10 16.77 13.48 3.75
C ALA A 10 15.98 14.48 2.90
N LEU A 11 15.59 15.59 3.53
CA LEU A 11 14.85 16.69 2.87
C LEU A 11 15.75 17.74 2.17
N GLY A 12 17.05 17.45 2.07
CA GLY A 12 18.01 18.34 1.41
C GLY A 12 18.19 18.02 -0.06
N LEU A 13 18.25 16.72 -0.39
CA LEU A 13 18.27 16.27 -1.78
C LEU A 13 16.91 16.46 -2.50
N LEU A 14 15.80 16.61 -1.73
CA LEU A 14 14.49 16.94 -2.32
C LEU A 14 14.50 18.32 -2.97
N ARG A 15 13.63 18.53 -3.95
CA ARG A 15 13.52 19.82 -4.63
C ARG A 15 12.16 20.43 -4.38
N THR A 16 12.05 21.70 -4.74
CA THR A 16 10.81 22.47 -4.69
C THR A 16 10.41 22.80 -6.13
N PHE A 17 9.15 22.51 -6.46
CA PHE A 17 8.67 22.59 -7.85
C PHE A 17 7.67 23.73 -8.01
N ASP A 18 7.96 24.62 -8.96
CA ASP A 18 7.02 25.66 -9.35
C ASP A 18 6.08 25.04 -10.37
N ALA A 19 4.78 25.34 -10.25
CA ALA A 19 3.75 24.77 -11.15
C ALA A 19 3.95 25.07 -12.65
N GLY A 20 4.70 26.12 -12.96
CA GLY A 20 5.10 26.42 -14.32
C GLY A 20 5.93 25.34 -14.97
N GLU A 21 6.72 24.63 -14.17
CA GLU A 21 7.53 23.49 -14.65
C GLU A 21 6.70 22.31 -15.19
N PHE A 22 5.46 22.15 -14.69
CA PHE A 22 4.56 21.06 -15.10
C PHE A 22 3.61 21.46 -16.21
N ALA A 23 2.97 20.46 -16.82
CA ALA A 23 2.06 20.65 -17.96
C ALA A 23 0.96 19.58 -17.99
N GLY A 24 0.18 19.56 -19.07
CA GLY A 24 -0.88 18.54 -19.31
C GLY A 24 -1.40 17.72 -18.15
N TRP A 25 -2.01 18.39 -17.16
CA TRP A 25 -2.45 17.75 -15.91
C TRP A 25 -3.63 16.83 -16.22
N GLU A 26 -3.62 15.62 -15.68
CA GLU A 26 -4.70 14.64 -15.88
C GLU A 26 -4.98 13.98 -14.55
N LYS A 27 -6.22 14.06 -14.07
CA LYS A 27 -6.62 13.38 -12.83
C LYS A 27 -6.46 11.85 -12.97
N VAL A 28 -6.03 11.19 -11.90
CA VAL A 28 -5.90 9.73 -11.87
C VAL A 28 -6.48 9.03 -10.62
N GLY A 29 -6.29 9.60 -9.42
CA GLY A 29 -6.82 9.01 -8.16
C GLY A 29 -7.49 10.06 -7.27
N SER A 30 -8.61 9.67 -6.63
CA SER A 30 -9.52 10.60 -5.91
C SER A 30 -10.04 11.74 -6.79
N PHE A 33 -8.95 12.18 0.54
CA PHE A 33 -7.65 11.61 0.22
C PHE A 33 -6.70 12.67 -0.38
N GLY A 34 -7.20 13.39 -1.38
CA GLY A 34 -6.41 14.38 -2.15
C GLY A 34 -6.25 13.89 -3.58
N GLN A 35 -6.51 14.76 -4.55
CA GLN A 35 -6.46 14.37 -5.96
C GLN A 35 -5.00 14.16 -6.42
N VAL A 36 -4.81 13.18 -7.32
CA VAL A 36 -3.50 12.86 -7.90
C VAL A 36 -3.52 13.17 -9.40
N TYR A 37 -2.41 13.73 -9.89
CA TYR A 37 -2.31 14.17 -11.28
C TYR A 37 -1.04 13.66 -11.96
N LYS A 38 -1.22 13.05 -13.13
CA LYS A 38 -0.13 12.75 -14.04
C LYS A 38 0.27 14.06 -14.72
N VAL A 39 1.43 14.60 -14.37
CA VAL A 39 1.94 15.83 -15.02
C VAL A 39 3.21 15.58 -15.82
N ARG A 40 3.46 16.48 -16.77
CA ARG A 40 4.66 16.43 -17.58
C ARG A 40 5.59 17.54 -17.17
N HIS A 41 6.73 17.17 -16.63
CA HIS A 41 7.82 18.10 -16.43
C HIS A 41 8.30 18.47 -17.82
N VAL A 42 8.32 19.77 -18.13
CA VAL A 42 8.62 20.22 -19.49
C VAL A 42 10.12 20.24 -19.78
N HIS A 43 10.92 20.72 -18.83
CA HIS A 43 12.37 20.81 -19.02
C HIS A 43 13.04 19.43 -18.94
N TRP A 44 12.46 18.52 -18.16
CA TRP A 44 13.01 17.17 -17.97
C TRP A 44 12.51 16.17 -18.99
N LYS A 45 11.49 16.54 -19.76
CA LYS A 45 10.90 15.70 -20.81
C LYS A 45 10.55 14.30 -20.30
N THR A 46 9.84 14.28 -19.17
CA THR A 46 9.39 13.04 -18.57
C THR A 46 8.19 13.30 -17.68
N TRP A 47 7.39 12.26 -17.47
CA TRP A 47 6.15 12.35 -16.69
C TRP A 47 6.37 12.12 -15.18
N LEU A 48 5.51 12.72 -14.37
CA LEU A 48 5.52 12.58 -12.91
C LEU A 48 4.10 12.57 -12.36
N ALA A 49 3.99 12.15 -11.11
CA ALA A 49 2.74 12.19 -10.39
C ALA A 49 2.84 13.28 -9.34
N ILE A 50 1.72 13.92 -9.03
CA ILE A 50 1.67 14.89 -7.95
C ILE A 50 0.33 14.81 -7.22
N LYS A 51 0.39 14.83 -5.88
CA LYS A 51 -0.78 14.72 -5.00
C LYS A 51 -1.00 16.05 -4.28
N CYS A 52 -2.03 16.79 -4.70
CA CYS A 52 -2.40 18.06 -4.05
C CYS A 52 -3.35 17.79 -2.89
N SER A 53 -3.33 18.68 -1.89
CA SER A 53 -4.21 18.54 -0.72
C SER A 53 -5.69 18.75 -1.08
N PRO A 54 -6.63 18.10 -0.33
CA PRO A 54 -8.06 18.35 -0.59
C PRO A 54 -8.55 19.76 -0.18
N SER A 55 -7.98 20.31 0.90
CA SER A 55 -8.39 21.61 1.43
C SER A 55 -8.13 22.79 0.48
N LEU A 56 -8.90 23.87 0.65
CA LEU A 56 -8.70 25.12 -0.10
C LEU A 56 -7.54 25.94 0.48
N HIS A 57 -7.54 26.11 1.81
CA HIS A 57 -6.41 26.70 2.54
C HIS A 57 -5.54 25.57 3.12
N VAL A 58 -4.22 25.68 2.96
CA VAL A 58 -3.25 24.71 3.49
C VAL A 58 -2.52 25.30 4.69
N ASP A 59 -2.95 24.93 5.89
CA ASP A 59 -2.30 25.40 7.12
C ASP A 59 -0.83 24.90 7.27
N ASP A 60 -0.15 25.36 8.32
CA ASP A 60 1.23 24.94 8.61
C ASP A 60 1.38 23.48 9.08
N ARG A 61 0.29 22.85 9.52
CA ARG A 61 0.29 21.41 9.81
C ARG A 61 0.42 20.63 8.49
N GLU A 62 -0.42 20.95 7.51
CA GLU A 62 -0.36 20.31 6.18
C GLU A 62 1.03 20.38 5.55
N ARG A 63 1.53 21.61 5.39
CA ARG A 63 2.86 21.85 4.78
C ARG A 63 3.98 21.03 5.45
N MET A 64 3.94 20.95 6.78
CA MET A 64 4.91 20.18 7.55
C MET A 64 4.62 18.67 7.51
N GLU A 65 3.34 18.28 7.50
CA GLU A 65 2.93 16.86 7.39
C GLU A 65 3.35 16.24 6.04
N LEU A 66 3.12 16.99 4.97
CA LEU A 66 3.57 16.64 3.61
C LEU A 66 5.08 16.45 3.51
N LEU A 67 5.82 17.28 4.25
CA LEU A 67 7.27 17.20 4.32
C LEU A 67 7.73 15.94 5.06
N GLU A 68 7.04 15.58 6.13
CA GLU A 68 7.33 14.34 6.87
C GLU A 68 7.00 13.11 6.02
N GLU A 69 5.95 13.18 5.20
CA GLU A 69 5.65 12.11 4.24
C GLU A 69 6.77 11.96 3.21
N ALA A 70 7.24 13.08 2.68
CA ALA A 70 8.31 13.07 1.68
C ALA A 70 9.63 12.56 2.26
N LYS A 71 10.00 13.04 3.45
CA LYS A 71 11.23 12.63 4.13
C LYS A 71 11.24 11.12 4.37
N LYS A 72 10.10 10.60 4.86
CA LYS A 72 9.93 9.16 5.13
C LYS A 72 10.02 8.33 3.85
N MET A 73 9.55 8.87 2.72
CA MET A 73 9.68 8.20 1.42
C MET A 73 11.13 8.17 0.94
N GLU A 74 11.85 9.29 1.07
CA GLU A 74 13.23 9.37 0.59
C GLU A 74 14.09 8.45 1.45
N MET A 75 13.87 8.46 2.76
CA MET A 75 14.59 7.57 3.67
C MET A 75 14.52 6.11 3.24
N ALA A 76 13.34 5.68 2.79
CA ALA A 76 13.11 4.28 2.34
C ALA A 76 13.35 4.05 0.84
N LYS A 77 14.29 4.79 0.23
CA LYS A 77 14.73 4.56 -1.16
C LYS A 77 14.97 3.07 -1.39
N PHE A 78 14.20 2.49 -2.30
CA PHE A 78 14.29 1.06 -2.55
C PHE A 78 13.56 0.72 -3.84
N ARG A 79 13.98 -0.38 -4.46
CA ARG A 79 13.39 -0.93 -5.70
C ARG A 79 11.86 -0.96 -5.69
N TYR A 80 11.33 -1.46 -4.58
CA TYR A 80 9.92 -1.74 -4.41
C TYR A 80 9.16 -0.68 -3.60
N ILE A 81 9.81 0.45 -3.32
CA ILE A 81 9.17 1.64 -2.76
C ILE A 81 9.09 2.73 -3.86
N LEU A 82 7.96 3.43 -3.93
CA LEU A 82 7.78 4.54 -4.87
C LEU A 82 8.81 5.64 -4.60
N PRO A 83 9.53 6.10 -5.64
CA PRO A 83 10.42 7.25 -5.43
C PRO A 83 9.66 8.57 -5.31
N VAL A 84 10.22 9.47 -4.51
CA VAL A 84 9.70 10.82 -4.33
C VAL A 84 10.78 11.80 -4.74
N TYR A 85 10.40 12.84 -5.50
CA TYR A 85 11.36 13.84 -5.99
C TYR A 85 11.38 15.16 -5.19
N GLY A 86 10.21 15.61 -4.74
CA GLY A 86 10.10 16.86 -3.99
C GLY A 86 8.69 17.25 -3.64
N ILE A 87 8.50 18.50 -3.21
CA ILE A 87 7.19 19.05 -2.86
C ILE A 87 6.95 20.30 -3.71
N CYS A 88 5.79 20.38 -4.34
CA CYS A 88 5.39 21.56 -5.14
C CYS A 88 4.74 22.61 -4.23
N GLN A 89 4.97 23.89 -4.52
CA GLN A 89 4.42 24.98 -3.70
C GLN A 89 3.18 25.66 -4.29
N GLU A 90 3.21 25.94 -5.59
CA GLU A 90 2.16 26.73 -6.28
C GLU A 90 0.77 26.25 -5.93
N PRO A 91 0.42 25.00 -6.29
CA PRO A 91 -0.45 24.19 -5.43
C PRO A 91 0.40 23.31 -4.50
N VAL A 92 0.04 23.22 -3.22
CA VAL A 92 0.78 22.39 -2.24
C VAL A 92 0.54 20.92 -2.53
N GLY A 93 1.62 20.19 -2.82
CA GLY A 93 1.55 18.77 -3.17
C GLY A 93 2.89 18.06 -3.24
N LEU A 94 2.83 16.74 -3.27
CA LEU A 94 4.02 15.89 -3.25
C LEU A 94 4.35 15.43 -4.67
N VAL A 95 5.58 15.65 -5.10
CA VAL A 95 6.06 15.33 -6.47
C VAL A 95 6.71 13.95 -6.50
N MET A 96 6.08 13.00 -7.18
CA MET A 96 6.44 11.57 -7.11
C MET A 96 6.71 11.00 -8.49
N GLU A 97 7.18 9.75 -8.53
CA GLU A 97 7.34 9.04 -9.78
C GLU A 97 5.98 8.55 -10.29
N TYR A 98 5.77 8.72 -11.60
CA TYR A 98 4.54 8.29 -12.23
C TYR A 98 4.61 6.82 -12.59
N MET A 99 3.62 6.06 -12.12
CA MET A 99 3.52 4.64 -12.39
C MET A 99 2.42 4.47 -13.43
N GLU A 100 2.77 3.96 -14.61
CA GLU A 100 1.81 3.90 -15.73
C GLU A 100 0.62 3.00 -15.46
N THR A 101 0.88 1.78 -15.00
CA THR A 101 -0.19 0.80 -14.78
C THR A 101 -1.11 1.18 -13.61
N GLY A 102 -0.65 2.05 -12.71
CA GLY A 102 -1.51 2.56 -11.63
C GLY A 102 -1.68 1.57 -10.50
N SER A 103 -2.82 1.62 -9.80
CA SER A 103 -2.98 0.83 -8.59
C SER A 103 -3.41 -0.61 -8.86
N LEU A 104 -3.04 -1.46 -7.90
CA LEU A 104 -3.45 -2.86 -7.85
C LEU A 104 -4.97 -2.93 -7.76
N GLU A 105 -5.58 -2.02 -7.02
CA GLU A 105 -7.04 -1.96 -6.93
C GLU A 105 -7.68 -1.91 -8.32
N LYS A 106 -7.18 -1.01 -9.17
CA LYS A 106 -7.68 -0.86 -10.54
C LYS A 106 -7.41 -2.11 -11.35
N LEU A 107 -6.21 -2.68 -11.18
CA LEU A 107 -5.83 -3.91 -11.89
C LEU A 107 -6.68 -5.12 -11.52
N LEU A 108 -7.03 -5.26 -10.25
CA LEU A 108 -7.85 -6.39 -9.83
C LEU A 108 -9.28 -6.28 -10.34
N ALA A 109 -9.78 -5.06 -10.46
CA ALA A 109 -11.07 -4.83 -11.10
C ALA A 109 -11.03 -5.05 -12.63
N SER A 110 -9.93 -4.65 -13.26
CA SER A 110 -9.83 -4.62 -14.73
C SER A 110 -10.13 -5.96 -15.43
N GLU A 111 -9.45 -7.02 -15.03
CA GLU A 111 -9.57 -8.32 -15.72
C GLU A 111 -8.93 -9.46 -14.93
N PRO A 112 -9.27 -10.73 -15.27
CA PRO A 112 -8.62 -11.88 -14.65
C PRO A 112 -7.12 -11.88 -14.88
N LEU A 113 -6.34 -11.99 -13.81
CA LEU A 113 -4.87 -11.96 -13.89
C LEU A 113 -4.25 -13.36 -13.83
N PRO A 114 -3.19 -13.62 -14.61
CA PRO A 114 -2.51 -14.92 -14.49
C PRO A 114 -1.86 -15.10 -13.12
N TRP A 115 -1.76 -16.35 -12.66
CA TRP A 115 -1.27 -16.61 -11.30
C TRP A 115 0.21 -16.26 -11.07
N ASP A 116 1.05 -16.53 -12.06
CA ASP A 116 2.47 -16.14 -11.99
C ASP A 116 2.64 -14.66 -11.64
N LEU A 117 1.79 -13.82 -12.20
CA LEU A 117 1.78 -12.40 -11.87
C LEU A 117 1.31 -12.17 -10.44
N ARG A 118 0.14 -12.70 -10.11
CA ARG A 118 -0.45 -12.58 -8.77
C ARG A 118 0.54 -12.89 -7.67
N PHE A 119 1.25 -14.01 -7.81
CA PHE A 119 2.25 -14.43 -6.83
C PHE A 119 3.43 -13.46 -6.78
N ARG A 120 3.82 -12.94 -7.95
CA ARG A 120 4.90 -11.96 -8.01
C ARG A 120 4.49 -10.65 -7.35
N ILE A 121 3.25 -10.21 -7.59
CA ILE A 121 2.75 -8.99 -6.97
C ILE A 121 2.76 -9.13 -5.45
N VAL A 122 2.33 -10.29 -4.97
CA VAL A 122 2.37 -10.60 -3.55
C VAL A 122 3.81 -10.59 -3.04
N HIS A 123 4.72 -11.27 -3.76
CA HIS A 123 6.11 -11.36 -3.33
C HIS A 123 6.80 -10.00 -3.32
N GLU A 124 6.65 -9.26 -4.42
CA GLU A 124 7.26 -7.93 -4.54
C GLU A 124 6.77 -7.00 -3.42
N THR A 125 5.47 -6.98 -3.18
CA THR A 125 4.91 -6.24 -2.05
C THR A 125 5.57 -6.65 -0.72
N ALA A 126 5.67 -7.96 -0.50
CA ALA A 126 6.29 -8.51 0.71
C ALA A 126 7.75 -8.10 0.87
N VAL A 127 8.50 -8.07 -0.24
CA VAL A 127 9.91 -7.65 -0.21
C VAL A 127 10.02 -6.17 0.18
N GLY A 128 9.10 -5.36 -0.33
CA GLY A 128 9.05 -3.94 -0.02
C GLY A 128 8.78 -3.71 1.44
N MET A 129 7.74 -4.36 1.95
CA MET A 129 7.37 -4.27 3.38
C MET A 129 8.49 -4.73 4.31
N ASN A 130 9.15 -5.81 3.92
CA ASN A 130 10.29 -6.34 4.66
C ASN A 130 11.37 -5.26 4.77
N PHE A 131 11.65 -4.59 3.67
CA PHE A 131 12.62 -3.49 3.65
C PHE A 131 12.32 -2.40 4.67
N LEU A 132 11.05 -2.00 4.73
CA LEU A 132 10.64 -0.96 5.65
C LEU A 132 10.90 -1.40 7.08
N HIS A 133 10.47 -2.63 7.39
CA HIS A 133 10.65 -3.21 8.72
C HIS A 133 12.11 -3.49 9.06
N CYS A 134 12.97 -3.69 8.06
CA CYS A 134 14.41 -3.86 8.29
C CYS A 134 15.16 -2.57 8.69
N MET A 135 14.53 -1.40 8.53
CA MET A 135 15.21 -0.15 8.84
C MET A 135 15.49 -0.02 10.35
N SER A 136 16.42 0.86 10.71
CA SER A 136 16.78 1.13 12.12
C SER A 136 16.44 2.60 12.47
N PRO A 137 15.29 2.88 13.10
CA PRO A 137 14.30 1.91 13.55
C PRO A 137 13.37 1.50 12.40
N PRO A 138 12.53 0.46 12.63
CA PRO A 138 11.59 0.04 11.60
C PRO A 138 10.62 1.14 11.22
N LEU A 139 10.35 1.29 9.92
CA LEU A 139 9.31 2.16 9.44
C LEU A 139 8.03 1.33 9.34
N LEU A 140 6.97 1.76 10.02
CA LEU A 140 5.67 1.11 9.89
C LEU A 140 4.86 1.85 8.85
N HIS A 141 4.20 1.11 7.97
CA HIS A 141 3.38 1.70 6.92
C HIS A 141 2.06 2.16 7.50
N LEU A 142 1.37 1.23 8.15
CA LEU A 142 0.09 1.47 8.85
C LEU A 142 -1.11 1.82 7.96
N ASN A 143 -0.94 1.73 6.63
CA ASN A 143 -1.96 2.08 5.65
C ASN A 143 -2.05 1.13 4.44
N LEU A 144 -1.30 0.01 4.44
CA LEU A 144 -1.14 -0.84 3.25
C LEU A 144 -2.47 -1.41 2.74
N LYS A 145 -2.80 -1.07 1.50
CA LYS A 145 -3.99 -1.59 0.83
C LYS A 145 -3.76 -1.53 -0.67
N PRO A 146 -4.56 -2.27 -1.48
CA PRO A 146 -4.32 -2.31 -2.94
C PRO A 146 -4.33 -0.96 -3.66
N ALA A 147 -5.04 0.03 -3.12
CA ALA A 147 -4.94 1.40 -3.62
C ALA A 147 -3.51 1.99 -3.51
N ASN A 148 -2.80 1.67 -2.43
CA ASN A 148 -1.42 2.12 -2.23
C ASN A 148 -0.41 1.38 -3.08
N ILE A 149 -0.73 0.15 -3.45
CA ILE A 149 0.21 -0.72 -4.12
C ILE A 149 0.17 -0.36 -5.60
N LEU A 150 1.26 0.22 -6.09
CA LEU A 150 1.31 0.78 -7.43
C LEU A 150 2.20 -0.05 -8.32
N LEU A 151 1.81 -0.13 -9.60
CA LEU A 151 2.42 -1.02 -10.57
C LEU A 151 2.94 -0.22 -11.76
N ASP A 152 4.15 -0.57 -12.20
CA ASP A 152 4.83 0.12 -13.30
C ASP A 152 4.34 -0.42 -14.65
N ALA A 153 4.89 0.13 -15.73
CA ALA A 153 4.54 -0.25 -17.10
C ALA A 153 4.66 -1.73 -17.36
N HIS A 154 5.63 -2.37 -16.72
CA HIS A 154 5.86 -3.81 -16.89
C HIS A 154 5.36 -4.66 -15.67
N TYR A 155 4.41 -4.09 -14.90
CA TYR A 155 3.69 -4.76 -13.79
C TYR A 155 4.50 -5.11 -12.54
N HIS A 156 5.53 -4.32 -12.24
CA HIS A 156 6.32 -4.49 -11.04
C HIS A 156 5.87 -3.51 -9.96
N VAL A 157 5.83 -4.00 -8.72
CA VAL A 157 5.30 -3.23 -7.57
C VAL A 157 6.23 -2.12 -7.10
N LYS A 158 5.62 -1.02 -6.69
CA LYS A 158 6.25 -0.02 -5.84
C LYS A 158 5.20 0.42 -4.82
N ILE A 159 5.54 0.32 -3.54
CA ILE A 159 4.62 0.64 -2.44
C ILE A 159 4.58 2.16 -2.26
N SER A 160 3.39 2.69 -1.99
CA SER A 160 3.18 4.12 -1.90
C SER A 160 2.29 4.50 -0.71
N ASP A 161 2.08 5.81 -0.56
CA ASP A 161 1.25 6.42 0.47
C ASP A 161 1.84 6.20 1.85
N PHE A 162 2.85 7.02 2.17
CA PHE A 162 3.43 7.09 3.53
C PHE A 162 2.81 8.20 4.40
N GLY A 163 1.59 8.62 4.07
CA GLY A 163 0.89 9.67 4.81
C GLY A 163 0.58 9.32 6.25
N LEU A 164 0.37 8.03 6.53
CA LEU A 164 0.08 7.55 7.88
C LEU A 164 1.21 6.64 8.45
N ALA A 165 2.44 6.79 7.94
CA ALA A 165 3.59 5.98 8.43
C ALA A 165 4.10 6.49 9.80
N LYS A 166 5.03 5.75 10.42
CA LYS A 166 5.45 6.07 11.79
C LYS A 166 6.85 5.60 12.19
N CYS A 167 7.59 6.49 12.88
CA CYS A 167 8.82 6.17 13.63
C CYS A 167 8.70 6.69 15.07
N PHE A 182 -13.74 5.28 6.31
CA PHE A 182 -13.96 4.98 4.91
C PHE A 182 -14.39 3.51 4.75
N GLY A 183 -14.17 2.92 3.56
CA GLY A 183 -14.24 1.46 3.38
C GLY A 183 -12.99 0.69 3.81
N THR A 184 -12.11 1.34 4.57
CA THR A 184 -10.81 0.78 4.97
C THR A 184 -10.83 0.09 6.36
N ILE A 185 -12.01 -0.17 6.93
CA ILE A 185 -12.12 -0.93 8.20
C ILE A 185 -11.54 -2.34 8.02
N ALA A 186 -11.71 -2.92 6.83
CA ALA A 186 -11.24 -4.26 6.49
C ALA A 186 -9.75 -4.53 6.72
N TYR A 187 -8.92 -3.51 6.54
CA TYR A 187 -7.46 -3.65 6.70
C TYR A 187 -7.00 -3.40 8.13
N LEU A 188 -7.95 -3.16 9.03
CA LEU A 188 -7.65 -2.78 10.40
C LEU A 188 -7.54 -4.04 11.25
N PRO A 189 -6.45 -4.19 12.02
CA PRO A 189 -6.29 -5.40 12.86
C PRO A 189 -7.25 -5.48 14.04
N PRO A 190 -7.63 -6.70 14.45
CA PRO A 190 -8.62 -6.84 15.51
C PRO A 190 -8.17 -6.24 16.85
N GLU A 191 -6.87 -6.28 17.11
CA GLU A 191 -6.31 -5.73 18.35
C GLU A 191 -6.46 -4.21 18.41
N ARG A 192 -6.56 -3.59 17.24
CA ARG A 192 -6.81 -2.16 17.12
C ARG A 192 -8.27 -1.79 17.45
N ILE A 193 -9.20 -2.72 17.20
CA ILE A 193 -10.61 -2.57 17.58
C ILE A 193 -10.80 -2.88 19.06
N ARG A 194 -10.09 -3.88 19.58
CA ARG A 194 -10.15 -4.24 21.01
C ARG A 194 -9.73 -3.08 21.92
N GLU A 195 -8.55 -2.54 21.66
CA GLU A 195 -7.90 -1.59 22.56
C GLU A 195 -7.87 -0.20 21.94
N LYS A 196 -8.52 0.77 22.61
CA LYS A 196 -8.36 2.19 22.26
C LYS A 196 -6.89 2.58 22.47
N SER A 197 -6.32 3.33 21.53
CA SER A 197 -4.94 3.81 21.64
C SER A 197 -3.95 2.71 22.05
N ARG A 198 -3.78 1.72 21.17
CA ARG A 198 -2.74 0.68 21.32
C ARG A 198 -1.47 1.13 20.59
N LEU A 199 -0.31 0.65 21.05
CA LEU A 199 0.97 1.02 20.43
C LEU A 199 1.14 0.26 19.10
N PHE A 200 1.32 1.02 18.02
CA PHE A 200 1.54 0.48 16.66
C PHE A 200 2.79 -0.40 16.56
N ASP A 201 2.70 -1.42 15.71
CA ASP A 201 3.76 -2.41 15.56
C ASP A 201 3.82 -2.98 14.15
N THR A 202 4.89 -3.74 13.89
CA THR A 202 5.07 -4.44 12.62
C THR A 202 3.92 -5.42 12.29
N LYS A 203 3.32 -6.01 13.32
CA LYS A 203 2.24 -6.95 13.14
C LYS A 203 0.95 -6.30 12.62
N HIS A 204 0.86 -4.97 12.70
CA HIS A 204 -0.24 -4.21 12.07
C HIS A 204 -0.19 -4.35 10.55
N ASP A 205 0.99 -4.09 10.00
CA ASP A 205 1.25 -4.23 8.55
C ASP A 205 1.08 -5.67 8.05
N VAL A 206 1.49 -6.64 8.87
CA VAL A 206 1.34 -8.07 8.55
C VAL A 206 -0.12 -8.45 8.37
N TYR A 207 -0.99 -7.88 9.22
CA TYR A 207 -2.42 -8.13 9.11
C TYR A 207 -2.96 -7.57 7.79
N SER A 208 -2.74 -6.28 7.58
CA SER A 208 -3.19 -5.60 6.37
C SER A 208 -2.74 -6.35 5.12
N PHE A 209 -1.47 -6.73 5.12
CA PHE A 209 -0.87 -7.57 4.08
C PHE A 209 -1.64 -8.87 3.83
N ALA A 210 -2.14 -9.51 4.88
CA ALA A 210 -2.99 -10.69 4.74
C ALA A 210 -4.27 -10.38 3.95
N ILE A 211 -4.85 -9.22 4.21
CA ILE A 211 -6.08 -8.83 3.55
C ILE A 211 -5.77 -8.44 2.09
N VAL A 212 -4.57 -7.90 1.84
CA VAL A 212 -4.14 -7.66 0.46
C VAL A 212 -4.09 -8.98 -0.31
N ILE A 213 -3.47 -9.98 0.31
CA ILE A 213 -3.38 -11.34 -0.26
C ILE A 213 -4.76 -11.87 -0.62
N TRP A 214 -5.72 -11.67 0.27
CA TRP A 214 -7.11 -12.05 -0.01
C TRP A 214 -7.56 -11.38 -1.31
N GLY A 215 -7.31 -10.09 -1.43
CA GLY A 215 -7.64 -9.35 -2.65
C GLY A 215 -7.04 -9.92 -3.92
N VAL A 216 -5.79 -10.35 -3.86
CA VAL A 216 -5.11 -10.94 -5.01
C VAL A 216 -5.73 -12.31 -5.36
N LEU A 217 -5.93 -13.16 -4.36
CA LEU A 217 -6.53 -14.49 -4.57
C LEU A 217 -7.97 -14.47 -5.13
N THR A 218 -8.70 -13.38 -4.85
CA THR A 218 -10.11 -13.27 -5.22
C THR A 218 -10.42 -12.24 -6.28
N GLN A 219 -9.54 -11.25 -6.48
CA GLN A 219 -9.82 -10.03 -7.27
C GLN A 219 -11.09 -9.27 -6.83
N LYS A 220 -11.39 -9.38 -5.54
CA LYS A 220 -12.56 -8.78 -4.92
C LYS A 220 -12.11 -7.85 -3.82
N LYS A 221 -13.04 -7.03 -3.34
CA LYS A 221 -12.80 -6.18 -2.20
C LYS A 221 -13.33 -6.91 -0.96
N PRO A 222 -12.63 -6.80 0.19
CA PRO A 222 -13.05 -7.60 1.35
C PRO A 222 -14.30 -7.04 2.02
N PHE A 223 -15.26 -7.93 2.33
CA PHE A 223 -16.56 -7.56 2.90
C PHE A 223 -17.32 -6.61 1.96
N ALA A 224 -17.23 -6.83 0.66
CA ALA A 224 -17.83 -5.93 -0.34
C ALA A 224 -19.37 -5.90 -0.29
N ASP A 225 -19.97 -7.07 -0.07
CA ASP A 225 -21.43 -7.23 -0.18
C ASP A 225 -22.17 -6.89 1.09
N GLU A 226 -21.44 -6.81 2.21
CA GLU A 226 -22.01 -6.83 3.55
C GLU A 226 -23.05 -5.75 3.85
N LYS A 227 -23.90 -6.05 4.83
CA LYS A 227 -24.93 -5.13 5.30
C LYS A 227 -24.30 -3.96 6.07
N ASN A 228 -23.53 -4.26 7.11
CA ASN A 228 -22.99 -3.21 8.00
C ASN A 228 -21.56 -3.45 8.49
N ILE A 229 -20.84 -2.33 8.66
CA ILE A 229 -19.45 -2.28 9.16
C ILE A 229 -19.32 -2.86 10.56
N LEU A 230 -20.07 -2.27 11.50
CA LEU A 230 -19.96 -2.60 12.93
C LEU A 230 -20.19 -4.10 13.24
N HIS A 231 -21.16 -4.75 12.59
CA HIS A 231 -21.39 -6.19 12.84
C HIS A 231 -20.15 -6.97 12.46
N ILE A 232 -19.60 -6.67 11.30
CA ILE A 232 -18.42 -7.38 10.80
C ILE A 232 -17.18 -7.05 11.64
N MET A 233 -17.00 -5.79 11.99
CA MET A 233 -15.93 -5.37 12.91
C MET A 233 -16.05 -6.02 14.30
N MET A 234 -17.27 -6.24 14.80
CA MET A 234 -17.48 -7.02 16.04
C MET A 234 -17.08 -8.49 15.86
N LYS A 235 -17.56 -9.12 14.79
CA LYS A 235 -17.25 -10.53 14.51
C LYS A 235 -15.75 -10.75 14.24
N VAL A 236 -15.07 -9.76 13.64
CA VAL A 236 -13.60 -9.79 13.46
C VAL A 236 -12.82 -9.91 14.78
N VAL A 237 -13.25 -9.21 15.83
CA VAL A 237 -12.62 -9.28 17.17
C VAL A 237 -12.70 -10.69 17.80
N LYS A 238 -13.71 -11.47 17.43
CA LYS A 238 -13.84 -12.87 17.86
C LYS A 238 -13.04 -13.84 16.97
N GLY A 239 -13.02 -13.60 15.66
CA GLY A 239 -12.39 -14.52 14.70
C GLY A 239 -12.83 -14.46 13.23
N HIS A 240 -13.98 -13.85 12.96
CA HIS A 240 -14.55 -13.76 11.61
C HIS A 240 -13.70 -12.91 10.65
N ARG A 241 -13.02 -13.59 9.72
CA ARG A 241 -12.22 -12.99 8.64
C ARG A 241 -12.96 -13.12 7.29
N PRO A 242 -12.41 -12.54 6.20
CA PRO A 242 -13.02 -12.77 4.87
C PRO A 242 -13.12 -14.26 4.51
N GLU A 243 -14.13 -14.63 3.73
CA GLU A 243 -14.36 -16.04 3.41
C GLU A 243 -13.17 -16.54 2.61
N LEU A 244 -12.71 -17.74 2.93
CA LEU A 244 -11.57 -18.33 2.22
C LEU A 244 -11.93 -18.55 0.76
N PRO A 245 -11.00 -18.23 -0.14
CA PRO A 245 -11.19 -18.60 -1.54
C PRO A 245 -10.98 -20.08 -1.71
N PRO A 246 -11.53 -20.66 -2.79
CA PRO A 246 -11.25 -22.07 -3.07
C PRO A 246 -9.83 -22.26 -3.62
N ILE A 247 -9.42 -23.51 -3.79
CA ILE A 247 -8.10 -23.80 -4.36
C ILE A 247 -8.25 -23.69 -5.88
N CYS A 248 -7.46 -22.80 -6.48
CA CYS A 248 -7.52 -22.53 -7.91
C CYS A 248 -7.04 -23.72 -8.75
N ARG A 249 -7.54 -23.83 -9.98
CA ARG A 249 -7.14 -24.93 -10.89
C ARG A 249 -5.71 -24.86 -11.41
N PRO A 250 -5.27 -23.68 -11.93
CA PRO A 250 -3.94 -23.58 -12.56
C PRO A 250 -2.74 -23.86 -11.67
N ARG A 251 -2.79 -23.42 -10.42
CA ARG A 251 -1.64 -23.49 -9.50
C ARG A 251 -2.11 -23.87 -8.10
N PRO A 252 -2.67 -25.09 -7.96
CA PRO A 252 -3.33 -25.51 -6.73
C PRO A 252 -2.38 -25.72 -5.54
N ARG A 253 -1.13 -26.11 -5.79
CA ARG A 253 -0.14 -26.25 -4.74
C ARG A 253 0.25 -24.90 -4.14
N ALA A 254 0.61 -23.94 -5.00
CA ALA A 254 1.02 -22.61 -4.56
C ALA A 254 -0.14 -21.82 -3.99
N CYS A 255 -1.33 -22.04 -4.54
CA CYS A 255 -2.51 -21.34 -4.05
C CYS A 255 -2.79 -21.74 -2.62
N ALA A 256 -2.84 -23.05 -2.39
CA ALA A 256 -3.01 -23.61 -1.06
C ALA A 256 -2.00 -23.04 -0.08
N SER A 257 -0.75 -22.93 -0.53
CA SER A 257 0.34 -22.39 0.30
C SER A 257 0.12 -20.92 0.64
N LEU A 258 -0.21 -20.12 -0.36
CA LEU A 258 -0.49 -18.70 -0.12
C LEU A 258 -1.66 -18.50 0.83
N ILE A 259 -2.71 -19.29 0.65
CA ILE A 259 -3.89 -19.24 1.51
C ILE A 259 -3.47 -19.51 2.95
N GLY A 260 -2.67 -20.55 3.14
CA GLY A 260 -2.10 -20.88 4.44
C GLY A 260 -1.45 -19.66 5.05
N LEU A 261 -0.52 -19.07 4.30
CA LEU A 261 0.25 -17.92 4.75
C LEU A 261 -0.65 -16.75 5.10
N MET A 262 -1.65 -16.51 4.27
CA MET A 262 -2.63 -15.47 4.55
C MET A 262 -3.25 -15.66 5.95
N GLN A 263 -3.67 -16.90 6.23
CA GLN A 263 -4.34 -17.24 7.50
C GLN A 263 -3.44 -16.99 8.73
N ARG A 264 -2.16 -17.29 8.59
CA ARG A 264 -1.19 -17.07 9.65
C ARG A 264 -0.96 -15.58 9.82
N CYS A 265 -0.94 -14.85 8.70
CA CYS A 265 -0.76 -13.41 8.70
C CYS A 265 -1.94 -12.64 9.26
N TRP A 266 -3.14 -13.24 9.29
CA TRP A 266 -4.31 -12.57 9.89
C TRP A 266 -4.80 -13.13 11.23
N HIS A 267 -3.92 -13.87 11.91
CA HIS A 267 -4.23 -14.48 13.21
C HIS A 267 -4.63 -13.39 14.21
N ALA A 268 -5.55 -13.72 15.11
CA ALA A 268 -6.05 -12.75 16.10
C ALA A 268 -4.99 -12.35 17.10
N ASP A 269 -4.24 -13.33 17.61
CA ASP A 269 -3.07 -13.10 18.45
C ASP A 269 -1.92 -12.59 17.57
N PRO A 270 -1.53 -11.31 17.73
CA PRO A 270 -0.49 -10.76 16.85
C PRO A 270 0.91 -11.37 16.97
N GLN A 271 1.21 -12.04 18.08
CA GLN A 271 2.51 -12.67 18.23
C GLN A 271 2.63 -13.96 17.42
N VAL A 272 1.50 -14.54 17.03
CA VAL A 272 1.48 -15.74 16.19
C VAL A 272 1.76 -15.41 14.69
N ARG A 273 1.48 -14.17 14.28
CA ARG A 273 1.66 -13.75 12.89
C ARG A 273 3.14 -13.71 12.51
N PRO A 274 3.49 -14.19 11.31
CA PRO A 274 4.90 -14.23 10.95
C PRO A 274 5.48 -12.86 10.67
N THR A 275 6.81 -12.76 10.75
CA THR A 275 7.53 -11.56 10.40
C THR A 275 7.69 -11.53 8.88
N PHE A 276 7.89 -10.34 8.33
CA PHE A 276 8.08 -10.19 6.89
C PHE A 276 9.37 -10.85 6.40
N GLN A 277 10.30 -11.07 7.32
CA GLN A 277 11.48 -11.91 7.07
C GLN A 277 11.05 -13.32 6.70
N GLU A 278 10.17 -13.89 7.50
CA GLU A 278 9.58 -15.21 7.22
C GLU A 278 8.67 -15.16 5.99
N ILE A 279 7.86 -14.10 5.88
CA ILE A 279 6.89 -14.00 4.79
C ILE A 279 7.59 -13.97 3.44
N THR A 280 8.54 -13.04 3.29
CA THR A 280 9.34 -12.98 2.05
C THR A 280 9.98 -14.33 1.71
N SER A 281 10.45 -15.03 2.73
CA SER A 281 11.05 -16.35 2.55
C SER A 281 10.12 -17.38 1.86
N GLU A 282 8.82 -17.27 2.12
CA GLU A 282 7.83 -18.20 1.56
C GLU A 282 7.21 -17.74 0.25
N THR A 283 7.01 -16.44 0.12
CA THR A 283 6.48 -15.89 -1.12
C THR A 283 7.49 -16.07 -2.25
N GLU A 284 8.79 -16.04 -1.92
CA GLU A 284 9.85 -16.30 -2.89
C GLU A 284 9.75 -17.70 -3.51
N ASP A 285 9.39 -18.69 -2.70
CA ASP A 285 9.26 -20.06 -3.18
C ASP A 285 8.07 -20.22 -4.12
N LEU A 286 7.03 -19.39 -3.96
CA LEU A 286 5.88 -19.40 -4.87
C LEU A 286 6.21 -18.87 -6.28
N CYS A 287 7.30 -18.11 -6.40
CA CYS A 287 7.81 -17.66 -7.71
C CYS A 287 8.85 -18.61 -8.37
N GLU A 288 9.33 -19.62 -7.65
CA GLU A 288 10.36 -20.57 -8.16
C GLU A 288 9.84 -21.54 -9.22
#